data_7DW6
#
_entry.id   7DW6
#
_cell.length_a   96.723
_cell.length_b   81.660
_cell.length_c   54.386
_cell.angle_alpha   90.000
_cell.angle_beta   117.330
_cell.angle_gamma   90.000
#
_symmetry.space_group_name_H-M   'C 1 2 1'
#
loop_
_entity.id
_entity.type
_entity.pdbx_description
1 polymer '3C-like proteinase'
2 polymer 'nsp15/16 peptidyl substrate'
3 water water
#
loop_
_entity_poly.entity_id
_entity_poly.type
_entity_poly.pdbx_seq_one_letter_code
_entity_poly.pdbx_strand_id
1 'polypeptide(L)'
;SGFRKMAFPSGKVEGCMVQVTCGTTTLNGLWLDDVVYCPRAVICTSEDMLNPNYEDLLIRKSNHNFLVQAGNVQLRVIGH
SMQNCVLKLKVDTANPKTPKYKFVRIQPGQTFSVLACYNGSPSGVYQCAMRPNFTIKGSFLNGSCGSVGFNIDYDCVSFC
YMHHMELPTGVHAGTDLEGNFYGPFVDRQTAQAAGTDTTITVNVLAWLYAAVINGDRWFLNRFTTTLNDFNLVAMKYNYE
PLTQDHVDILGPLSAQTGIAVLDMCASLKELLQNGMNGRTILGSALLEDEFTPFDVVRQCSGVTFQ
;
A
2 'polypeptide(L)' HVETFYPKLQSSQAWQPGVA C
#
# COMPACT_ATOMS: atom_id res chain seq x y z
N SER A 1 -13.27 16.44 -15.70
CA SER A 1 -13.24 16.89 -14.29
C SER A 1 -13.59 15.78 -13.35
N GLY A 2 -13.54 16.10 -12.05
CA GLY A 2 -13.76 15.16 -10.98
C GLY A 2 -12.44 14.62 -10.43
N PHE A 3 -12.48 14.11 -9.23
CA PHE A 3 -11.25 13.58 -8.65
C PHE A 3 -11.65 12.46 -7.71
N ARG A 4 -11.20 11.26 -8.02
CA ARG A 4 -11.62 10.07 -7.30
C ARG A 4 -10.40 9.34 -6.74
N LYS A 5 -10.62 8.56 -5.70
CA LYS A 5 -9.53 7.71 -5.20
C LYS A 5 -9.46 6.53 -6.16
N MET A 6 -8.62 6.67 -7.17
CA MET A 6 -8.57 5.74 -8.29
C MET A 6 -7.51 4.65 -8.09
N ALA A 7 -7.88 3.38 -8.36
CA ALA A 7 -6.94 2.27 -8.36
C ALA A 7 -6.47 1.97 -9.78
N PHE A 8 -5.33 1.27 -9.90
CA PHE A 8 -4.93 0.75 -11.21
C PHE A 8 -5.84 -0.40 -11.63
N PRO A 9 -6.08 -0.53 -12.96
CA PRO A 9 -6.81 -1.70 -13.44
C PRO A 9 -6.08 -2.95 -12.98
N SER A 10 -6.82 -3.92 -12.44
CA SER A 10 -6.22 -5.02 -11.67
C SER A 10 -6.02 -6.29 -12.47
N GLY A 11 -6.38 -6.29 -13.77
CA GLY A 11 -6.44 -7.54 -14.53
C GLY A 11 -5.12 -8.29 -14.57
N LYS A 12 -4.02 -7.56 -14.81
CA LYS A 12 -2.71 -8.20 -14.88
C LYS A 12 -2.36 -8.89 -13.57
N VAL A 13 -2.90 -8.43 -12.45
CA VAL A 13 -2.60 -9.09 -11.17
C VAL A 13 -3.57 -10.21 -10.90
N GLU A 14 -4.83 -10.02 -11.33
CA GLU A 14 -5.82 -11.08 -11.13
C GLU A 14 -5.31 -12.39 -11.71
N GLY A 15 -4.66 -12.33 -12.86
CA GLY A 15 -4.18 -13.54 -13.55
C GLY A 15 -3.06 -14.25 -12.81
N CYS A 16 -2.57 -13.64 -11.74
CA CYS A 16 -1.43 -14.17 -11.00
C CYS A 16 -1.80 -14.75 -9.66
N MET A 17 -3.07 -14.65 -9.23
CA MET A 17 -3.49 -15.02 -7.89
C MET A 17 -3.82 -16.50 -7.82
N VAL A 18 -3.27 -17.16 -6.80
CA VAL A 18 -3.48 -18.59 -6.56
C VAL A 18 -3.80 -18.80 -5.08
N GLN A 19 -4.16 -20.04 -4.76
CA GLN A 19 -4.45 -20.46 -3.40
C GLN A 19 -3.35 -21.40 -2.94
N VAL A 20 -2.86 -21.21 -1.71
CA VAL A 20 -1.83 -22.09 -1.15
C VAL A 20 -2.36 -22.65 0.16
N THR A 21 -2.28 -23.98 0.33
CA THR A 21 -2.69 -24.60 1.56
C THR A 21 -1.55 -25.47 2.09
N CYS A 22 -1.27 -25.33 3.39
CA CYS A 22 -0.39 -26.24 4.11
C CYS A 22 -1.17 -26.67 5.35
N GLY A 23 -1.46 -27.96 5.44
CA GLY A 23 -2.23 -28.46 6.57
C GLY A 23 -3.64 -27.92 6.52
N THR A 24 -4.08 -27.32 7.62
CA THR A 24 -5.41 -26.74 7.70
C THR A 24 -5.39 -25.22 7.47
N THR A 25 -4.29 -24.67 6.97
CA THR A 25 -4.11 -23.23 6.81
C THR A 25 -4.06 -22.91 5.33
N THR A 26 -4.92 -21.98 4.89
CA THR A 26 -4.94 -21.55 3.51
C THR A 26 -4.78 -20.04 3.43
N LEU A 27 -4.12 -19.57 2.38
CA LEU A 27 -3.98 -18.14 2.11
C LEU A 27 -3.68 -17.98 0.63
N ASN A 28 -3.40 -16.73 0.21
CA ASN A 28 -3.18 -16.45 -1.19
C ASN A 28 -1.70 -16.46 -1.55
N GLY A 29 -1.42 -16.80 -2.80
CA GLY A 29 -0.09 -16.65 -3.34
C GLY A 29 -0.11 -15.94 -4.68
N LEU A 30 1.09 -15.59 -5.13
CA LEU A 30 1.32 -14.80 -6.32
C LEU A 30 2.17 -15.64 -7.25
N TRP A 31 1.61 -16.00 -8.39
CA TRP A 31 2.21 -16.94 -9.34
C TRP A 31 2.82 -16.16 -10.50
N LEU A 32 4.16 -16.08 -10.54
CA LEU A 32 4.88 -15.36 -11.59
C LEU A 32 5.92 -16.31 -12.18
N ASP A 33 5.86 -16.51 -13.50
CA ASP A 33 6.71 -17.54 -14.16
C ASP A 33 6.46 -18.85 -13.41
N ASP A 34 7.50 -19.61 -13.02
CA ASP A 34 7.23 -20.87 -12.33
C ASP A 34 7.45 -20.77 -10.83
N VAL A 35 7.17 -19.62 -10.23
CA VAL A 35 7.36 -19.46 -8.79
C VAL A 35 6.08 -18.90 -8.20
N VAL A 36 5.66 -19.47 -7.07
CA VAL A 36 4.54 -18.96 -6.27
C VAL A 36 5.11 -18.33 -5.00
N TYR A 37 4.76 -17.06 -4.78
CA TYR A 37 5.21 -16.31 -3.61
C TYR A 37 4.07 -16.24 -2.61
N CYS A 38 4.33 -16.52 -1.34
CA CYS A 38 3.26 -16.40 -0.34
C CYS A 38 3.88 -16.17 1.03
N PRO A 39 3.06 -15.73 1.99
CA PRO A 39 3.58 -15.51 3.35
C PRO A 39 4.01 -16.83 3.96
N ARG A 40 5.12 -16.81 4.66
CA ARG A 40 5.54 -18.04 5.34
C ARG A 40 4.60 -18.45 6.46
N ALA A 41 3.68 -17.58 6.89
CA ALA A 41 2.74 -17.98 7.94
C ALA A 41 1.85 -19.15 7.53
N VAL A 42 1.82 -19.50 6.24
CA VAL A 42 1.07 -20.68 5.79
C VAL A 42 1.56 -21.97 6.47
N ILE A 43 2.81 -22.03 6.94
CA ILE A 43 3.30 -23.25 7.58
C ILE A 43 3.11 -23.23 9.09
N CYS A 44 2.43 -22.21 9.60
CA CYS A 44 2.10 -22.14 11.01
C CYS A 44 0.94 -23.07 11.35
N THR A 45 0.92 -23.53 12.59
CA THR A 45 -0.24 -24.22 13.12
C THR A 45 -0.87 -23.38 14.20
N SER A 46 -2.20 -23.54 14.35
CA SER A 46 -3.00 -22.57 15.09
C SER A 46 -2.59 -22.42 16.55
N GLU A 47 -1.83 -23.36 17.11
CA GLU A 47 -1.36 -23.22 18.49
C GLU A 47 0.06 -22.70 18.60
N ASP A 48 0.90 -22.93 17.59
CA ASP A 48 2.26 -22.37 17.59
C ASP A 48 2.31 -20.99 16.94
N MET A 49 1.29 -20.16 17.18
CA MET A 49 1.24 -18.86 16.54
C MET A 49 1.92 -17.76 17.35
N LEU A 50 2.20 -18.02 18.63
CA LEU A 50 2.84 -16.98 19.44
C LEU A 50 4.30 -16.79 19.06
N ASN A 51 5.07 -17.87 18.99
CA ASN A 51 6.49 -17.81 18.69
C ASN A 51 6.91 -19.01 17.86
N PRO A 52 6.51 -19.06 16.58
CA PRO A 52 6.98 -20.13 15.71
C PRO A 52 8.41 -19.90 15.28
N ASN A 53 9.19 -20.98 15.19
CA ASN A 53 10.48 -20.93 14.52
C ASN A 53 10.23 -21.45 13.11
N TYR A 54 10.29 -20.55 12.14
CA TYR A 54 9.89 -20.92 10.79
C TYR A 54 10.93 -21.80 10.13
N GLU A 55 12.22 -21.57 10.41
CA GLU A 55 13.24 -22.44 9.85
C GLU A 55 13.03 -23.88 10.33
N ASP A 56 12.68 -24.02 11.60
CA ASP A 56 12.36 -25.31 12.19
C ASP A 56 11.08 -25.89 11.60
N LEU A 57 10.04 -25.06 11.47
CA LEU A 57 8.80 -25.56 10.90
C LEU A 57 8.98 -25.97 9.46
N LEU A 58 9.83 -25.25 8.71
CA LEU A 58 9.92 -25.49 7.28
C LEU A 58 10.76 -26.73 6.98
N ILE A 59 11.83 -26.95 7.74
CA ILE A 59 12.66 -28.12 7.46
C ILE A 59 11.88 -29.41 7.68
N ARG A 60 10.79 -29.37 8.42
CA ARG A 60 9.94 -30.52 8.62
C ARG A 60 8.92 -30.70 7.52
N LYS A 61 8.98 -29.90 6.43
CA LYS A 61 8.04 -29.98 5.33
C LYS A 61 8.73 -30.49 4.07
N SER A 62 7.94 -31.16 3.23
CA SER A 62 8.35 -31.58 1.89
C SER A 62 7.54 -30.83 0.83
N ASN A 63 8.05 -30.83 -0.42
CA ASN A 63 7.33 -30.17 -1.53
C ASN A 63 5.85 -30.55 -1.54
N HIS A 64 5.55 -31.83 -1.30
CA HIS A 64 4.16 -32.27 -1.44
C HIS A 64 3.28 -31.88 -0.27
N ASN A 65 3.84 -31.29 0.81
CA ASN A 65 2.98 -30.73 1.84
C ASN A 65 2.30 -29.42 1.40
N PHE A 66 2.73 -28.83 0.29
CA PHE A 66 2.16 -27.57 -0.21
C PHE A 66 1.19 -27.86 -1.35
N LEU A 67 -0.08 -27.52 -1.13
CA LEU A 67 -1.11 -27.65 -2.14
C LEU A 67 -1.40 -26.27 -2.73
N VAL A 68 -1.11 -26.10 -4.01
CA VAL A 68 -1.27 -24.84 -4.73
C VAL A 68 -2.37 -25.04 -5.76
N GLN A 69 -3.41 -24.22 -5.70
CA GLN A 69 -4.53 -24.30 -6.64
C GLN A 69 -4.61 -23.01 -7.43
N ALA A 70 -4.57 -23.11 -8.76
CA ALA A 70 -4.74 -21.98 -9.65
C ALA A 70 -6.13 -22.17 -10.27
N GLY A 71 -7.13 -21.58 -9.61
CA GLY A 71 -8.53 -21.80 -9.96
C GLY A 71 -8.88 -23.27 -10.06
N ASN A 72 -9.09 -23.73 -11.29
CA ASN A 72 -9.37 -25.12 -11.56
C ASN A 72 -8.17 -26.01 -11.22
N VAL A 73 -7.01 -25.70 -11.80
CA VAL A 73 -5.90 -26.64 -11.84
C VAL A 73 -5.10 -26.60 -10.53
N GLN A 74 -4.67 -27.78 -10.09
CA GLN A 74 -3.67 -27.89 -9.04
C GLN A 74 -2.29 -27.80 -9.68
N LEU A 75 -1.37 -27.10 -9.02
CA LEU A 75 -0.02 -26.95 -9.52
C LEU A 75 0.92 -27.77 -8.65
N ARG A 76 1.84 -28.51 -9.29
CA ARG A 76 2.75 -29.36 -8.56
C ARG A 76 3.92 -28.54 -8.06
N VAL A 77 4.16 -28.58 -6.75
CA VAL A 77 5.33 -27.94 -6.15
C VAL A 77 6.55 -28.84 -6.33
N ILE A 78 7.61 -28.31 -6.94
CA ILE A 78 8.82 -29.07 -7.22
C ILE A 78 10.04 -28.51 -6.48
N GLY A 79 9.84 -27.50 -5.65
CA GLY A 79 10.91 -26.94 -4.86
C GLY A 79 10.36 -25.87 -3.95
N HIS A 80 11.03 -25.59 -2.84
CA HIS A 80 10.56 -24.57 -1.93
C HIS A 80 11.76 -23.99 -1.19
N SER A 81 11.68 -22.70 -0.90
CA SER A 81 12.69 -22.05 -0.09
C SER A 81 12.04 -20.87 0.63
N MET A 82 12.68 -20.46 1.71
CA MET A 82 12.25 -19.29 2.48
C MET A 82 13.19 -18.13 2.24
N GLN A 83 12.62 -16.94 2.01
CA GLN A 83 13.39 -15.71 1.87
C GLN A 83 12.74 -14.69 2.81
N ASN A 84 13.37 -14.40 3.94
CA ASN A 84 12.80 -13.48 4.94
C ASN A 84 11.44 -14.02 5.35
N CYS A 85 10.34 -13.27 5.18
CA CYS A 85 9.04 -13.74 5.64
C CYS A 85 8.16 -14.30 4.52
N VAL A 86 8.73 -14.56 3.35
CA VAL A 86 7.94 -15.17 2.28
C VAL A 86 8.52 -16.53 1.92
N LEU A 87 7.65 -17.39 1.41
CA LEU A 87 8.06 -18.66 0.82
C LEU A 87 8.04 -18.54 -0.70
N LYS A 88 9.02 -19.20 -1.35
CA LYS A 88 9.03 -19.30 -2.80
C LYS A 88 8.83 -20.77 -3.13
N LEU A 89 7.67 -21.09 -3.70
CA LEU A 89 7.31 -22.45 -4.12
C LEU A 89 7.55 -22.56 -5.61
N LYS A 90 8.56 -23.33 -6.00
CA LYS A 90 8.78 -23.55 -7.43
C LYS A 90 7.75 -24.58 -7.88
N VAL A 91 7.05 -24.27 -8.98
CA VAL A 91 6.02 -25.16 -9.51
C VAL A 91 6.51 -25.61 -10.89
N ASP A 92 5.88 -26.66 -11.41
CA ASP A 92 6.34 -27.21 -12.68
C ASP A 92 5.73 -26.54 -13.90
N THR A 93 4.91 -25.49 -13.73
CA THR A 93 4.27 -24.79 -14.84
C THR A 93 4.50 -23.30 -14.70
N ALA A 94 4.98 -22.66 -15.76
CA ALA A 94 5.11 -21.22 -15.80
C ALA A 94 3.75 -20.60 -16.04
N ASN A 95 3.40 -19.57 -15.26
CA ASN A 95 2.10 -18.94 -15.44
C ASN A 95 2.03 -18.30 -16.82
N PRO A 96 1.12 -18.74 -17.69
CA PRO A 96 1.04 -18.15 -19.03
C PRO A 96 0.52 -16.71 -19.03
N LYS A 97 -0.08 -16.28 -17.93
CA LYS A 97 -0.58 -14.92 -17.76
C LYS A 97 0.43 -14.00 -17.04
N THR A 98 1.69 -14.40 -16.93
CA THR A 98 2.66 -13.54 -16.23
C THR A 98 2.83 -12.21 -16.96
N PRO A 99 2.58 -11.08 -16.30
CA PRO A 99 2.86 -9.77 -16.92
C PRO A 99 4.33 -9.44 -16.85
N LYS A 100 4.70 -8.39 -17.56
CA LYS A 100 5.94 -7.71 -17.27
C LYS A 100 5.88 -7.20 -15.84
N TYR A 101 6.90 -7.48 -15.04
CA TYR A 101 6.75 -7.12 -13.64
C TYR A 101 8.10 -6.80 -12.99
N LYS A 102 8.01 -6.07 -11.89
CA LYS A 102 9.16 -5.83 -11.01
C LYS A 102 8.70 -5.98 -9.57
N PHE A 103 9.67 -6.22 -8.68
CA PHE A 103 9.47 -6.09 -7.23
C PHE A 103 10.12 -4.79 -6.78
N VAL A 104 9.38 -3.99 -5.99
CA VAL A 104 9.84 -2.68 -5.54
C VAL A 104 9.51 -2.56 -4.07
N ARG A 105 10.44 -2.01 -3.30
CA ARG A 105 10.18 -1.64 -1.92
C ARG A 105 9.93 -0.13 -1.87
N ILE A 106 8.72 0.26 -1.48
CA ILE A 106 8.37 1.68 -1.52
C ILE A 106 8.72 2.41 -0.23
N GLN A 107 8.72 3.74 -0.29
CA GLN A 107 8.90 4.66 0.83
C GLN A 107 7.54 4.97 1.45
N PRO A 108 7.50 5.28 2.73
CA PRO A 108 6.26 5.74 3.32
C PRO A 108 5.82 7.00 2.57
N GLY A 109 4.50 7.16 2.47
CA GLY A 109 3.91 8.24 1.70
C GLY A 109 3.58 7.89 0.27
N GLN A 110 4.16 6.83 -0.29
CA GLN A 110 3.80 6.37 -1.62
C GLN A 110 2.51 5.58 -1.57
N THR A 111 1.77 5.61 -2.67
CA THR A 111 0.47 4.96 -2.76
C THR A 111 0.56 3.74 -3.65
N PHE A 112 -0.42 2.85 -3.50
CA PHE A 112 -0.50 1.68 -4.35
C PHE A 112 -1.91 1.11 -4.33
N SER A 113 -2.18 0.29 -5.33
CA SER A 113 -3.46 -0.39 -5.39
C SER A 113 -3.36 -1.73 -4.68
N VAL A 114 -4.41 -2.11 -3.96
CA VAL A 114 -4.51 -3.42 -3.29
C VAL A 114 -5.57 -4.26 -3.98
N LEU A 115 -5.21 -5.47 -4.39
CA LEU A 115 -6.20 -6.41 -4.89
C LEU A 115 -6.50 -7.40 -3.75
N ALA A 116 -7.61 -7.16 -3.04
CA ALA A 116 -7.98 -8.02 -1.93
C ALA A 116 -8.45 -9.37 -2.48
N CYS A 117 -8.00 -10.46 -1.85
CA CYS A 117 -8.27 -11.81 -2.34
C CYS A 117 -8.51 -12.76 -1.20
N TYR A 118 -9.35 -13.76 -1.48
CA TYR A 118 -9.68 -14.85 -0.56
C TYR A 118 -9.66 -16.15 -1.35
N ASN A 119 -8.93 -17.14 -0.84
CA ASN A 119 -8.86 -18.47 -1.47
C ASN A 119 -8.42 -18.38 -2.94
N GLY A 120 -7.50 -17.47 -3.23
CA GLY A 120 -6.98 -17.27 -4.57
C GLY A 120 -7.91 -16.52 -5.51
N SER A 121 -9.04 -16.04 -5.01
CA SER A 121 -10.05 -15.37 -5.84
C SER A 121 -10.14 -13.90 -5.51
N PRO A 122 -9.78 -12.98 -6.41
CA PRO A 122 -9.92 -11.54 -6.12
C PRO A 122 -11.34 -11.13 -5.76
N SER A 123 -11.46 -10.31 -4.71
CA SER A 123 -12.76 -9.78 -4.32
C SER A 123 -12.95 -8.29 -4.60
N GLY A 124 -11.90 -7.49 -4.61
CA GLY A 124 -12.07 -6.05 -4.76
C GLY A 124 -10.72 -5.39 -4.88
N VAL A 125 -10.75 -4.15 -5.36
CA VAL A 125 -9.53 -3.38 -5.56
C VAL A 125 -9.72 -2.01 -4.92
N TYR A 126 -8.68 -1.52 -4.25
CA TYR A 126 -8.77 -0.19 -3.66
C TYR A 126 -7.38 0.40 -3.55
N GLN A 127 -7.35 1.71 -3.38
CA GLN A 127 -6.09 2.45 -3.31
C GLN A 127 -5.75 2.73 -1.84
N CYS A 128 -4.45 2.59 -1.51
CA CYS A 128 -3.85 2.66 -0.15
C CYS A 128 -2.68 3.62 -0.21
N ALA A 129 -2.28 4.18 0.94
CA ALA A 129 -0.94 4.73 1.08
C ALA A 129 -0.17 3.94 2.13
N MET A 130 1.15 3.83 1.93
CA MET A 130 2.01 3.40 3.03
C MET A 130 2.09 4.55 4.04
N ARG A 131 1.60 4.34 5.26
CA ARG A 131 1.59 5.41 6.25
C ARG A 131 3.03 5.67 6.74
N PRO A 132 3.28 6.85 7.30
CA PRO A 132 4.63 7.13 7.82
C PRO A 132 5.04 6.15 8.91
N ASN A 133 4.11 5.58 9.65
CA ASN A 133 4.42 4.55 10.63
C ASN A 133 4.45 3.15 10.01
N PHE A 134 4.41 3.04 8.68
CA PHE A 134 4.62 1.76 7.98
C PHE A 134 3.50 0.74 8.20
N THR A 135 2.30 1.22 8.48
CA THR A 135 1.09 0.44 8.39
C THR A 135 0.32 0.90 7.16
N ILE A 136 -0.66 0.11 6.76
CA ILE A 136 -1.64 0.61 5.79
C ILE A 136 -3.03 0.47 6.39
N LYS A 137 -3.91 1.41 6.03
CA LYS A 137 -5.30 1.37 6.48
C LYS A 137 -6.09 0.67 5.39
N GLY A 138 -6.03 -0.65 5.42
CA GLY A 138 -6.65 -1.47 4.40
C GLY A 138 -8.02 -1.92 4.81
N SER A 139 -8.57 -2.83 4.01
CA SER A 139 -9.82 -3.51 4.32
C SER A 139 -9.56 -5.00 4.05
N PHE A 140 -9.40 -5.76 5.13
CA PHE A 140 -8.89 -7.13 5.07
C PHE A 140 -9.57 -8.00 6.12
N LEU A 141 -9.96 -9.21 5.73
CA LEU A 141 -10.58 -10.20 6.61
C LEU A 141 -9.68 -11.43 6.69
N ASN A 142 -10.05 -12.39 7.55
CA ASN A 142 -9.29 -13.63 7.57
C ASN A 142 -9.37 -14.29 6.20
N GLY A 143 -8.25 -14.86 5.76
CA GLY A 143 -8.11 -15.36 4.42
C GLY A 143 -7.43 -14.41 3.46
N SER A 144 -7.23 -13.14 3.84
CA SER A 144 -6.67 -12.19 2.88
C SER A 144 -5.15 -12.17 2.86
N CYS A 145 -4.52 -12.85 3.84
CA CYS A 145 -3.07 -12.99 3.86
C CYS A 145 -2.56 -13.41 2.49
N GLY A 146 -1.54 -12.72 1.99
CA GLY A 146 -1.03 -12.98 0.64
C GLY A 146 -1.57 -12.10 -0.46
N SER A 147 -2.65 -11.35 -0.21
CA SER A 147 -3.07 -10.33 -1.15
C SER A 147 -1.93 -9.33 -1.37
N VAL A 148 -1.83 -8.80 -2.60
CA VAL A 148 -0.70 -7.96 -2.96
C VAL A 148 -1.13 -6.54 -3.31
N GLY A 149 -0.18 -5.62 -3.15
CA GLY A 149 -0.32 -4.22 -3.55
C GLY A 149 0.65 -3.92 -4.68
N PHE A 150 0.25 -3.01 -5.56
CA PHE A 150 1.02 -2.82 -6.78
C PHE A 150 0.77 -1.45 -7.38
N ASN A 151 1.70 -1.05 -8.25
CA ASN A 151 1.55 0.05 -9.18
C ASN A 151 1.79 -0.45 -10.61
N ILE A 152 1.21 0.23 -11.58
CA ILE A 152 1.46 -0.09 -12.99
C ILE A 152 2.02 1.16 -13.67
N ASP A 153 3.15 1.01 -14.38
CA ASP A 153 3.83 2.20 -14.90
C ASP A 153 3.47 2.44 -16.36
N TYR A 154 3.74 1.46 -17.22
CA TYR A 154 3.17 1.45 -18.55
C TYR A 154 2.34 0.19 -18.71
N ASP A 155 2.98 -0.94 -19.02
CA ASP A 155 2.33 -2.23 -18.79
C ASP A 155 3.22 -3.13 -17.94
N CYS A 156 4.01 -2.51 -17.07
CA CYS A 156 4.84 -3.22 -16.10
C CYS A 156 4.22 -3.11 -14.72
N VAL A 157 3.93 -4.26 -14.09
CA VAL A 157 3.35 -4.26 -12.76
C VAL A 157 4.49 -4.23 -11.76
N SER A 158 4.57 -3.18 -10.95
CA SER A 158 5.55 -3.10 -9.85
C SER A 158 4.86 -3.53 -8.57
N PHE A 159 5.13 -4.76 -8.15
CA PHE A 159 4.57 -5.25 -6.90
C PHE A 159 5.33 -4.65 -5.74
N CYS A 160 4.62 -4.09 -4.78
CA CYS A 160 5.29 -3.49 -3.62
C CYS A 160 4.81 -3.94 -2.26
N TYR A 161 3.74 -4.72 -2.16
CA TYR A 161 3.23 -5.09 -0.86
C TYR A 161 2.61 -6.48 -0.94
N MET A 162 2.91 -7.31 0.06
CA MET A 162 2.17 -8.54 0.32
C MET A 162 1.59 -8.49 1.74
N HIS A 163 0.27 -8.76 1.86
CA HIS A 163 -0.41 -8.61 3.14
C HIS A 163 -0.13 -9.78 4.09
N HIS A 164 0.18 -9.48 5.37
CA HIS A 164 0.36 -10.51 6.38
C HIS A 164 -0.62 -10.43 7.54
N MET A 165 -0.82 -9.26 8.14
CA MET A 165 -1.49 -9.30 9.44
C MET A 165 -2.22 -8.01 9.76
N GLU A 166 -3.15 -8.12 10.69
CA GLU A 166 -3.91 -6.99 11.21
C GLU A 166 -3.47 -6.72 12.65
N LEU A 167 -3.06 -5.47 12.92
CA LEU A 167 -2.67 -5.04 14.26
C LEU A 167 -3.91 -4.73 15.10
N PRO A 168 -3.74 -4.65 16.43
CA PRO A 168 -4.90 -4.48 17.30
C PRO A 168 -5.68 -3.19 17.05
N THR A 169 -5.09 -2.18 16.44
CA THR A 169 -5.83 -0.98 16.10
C THR A 169 -6.63 -1.12 14.80
N GLY A 170 -6.62 -2.28 14.16
CA GLY A 170 -7.40 -2.43 12.95
C GLY A 170 -6.68 -1.98 11.68
N VAL A 171 -5.42 -1.60 11.77
CA VAL A 171 -4.61 -1.28 10.60
C VAL A 171 -3.75 -2.50 10.28
N HIS A 172 -3.01 -2.45 9.19
CA HIS A 172 -2.51 -3.65 8.52
C HIS A 172 -1.02 -3.53 8.29
N ALA A 173 -0.35 -4.69 8.31
CA ALA A 173 1.09 -4.71 8.20
C ALA A 173 1.48 -5.87 7.28
N GLY A 174 2.52 -5.66 6.49
CA GLY A 174 2.93 -6.62 5.51
C GLY A 174 4.34 -6.36 5.05
N THR A 175 4.75 -7.06 3.98
CA THR A 175 6.14 -7.08 3.53
C THR A 175 6.24 -6.56 2.11
N ASP A 176 7.47 -6.32 1.67
CA ASP A 176 7.74 -6.24 0.24
C ASP A 176 7.68 -7.67 -0.33
N LEU A 177 7.86 -7.80 -1.64
CA LEU A 177 7.71 -9.15 -2.20
C LEU A 177 8.93 -10.01 -1.98
N GLU A 178 9.97 -9.45 -1.37
CA GLU A 178 11.10 -10.24 -0.90
C GLU A 178 10.91 -10.70 0.53
N GLY A 179 9.77 -10.40 1.15
CA GLY A 179 9.47 -10.83 2.49
C GLY A 179 9.99 -9.96 3.59
N ASN A 180 10.46 -8.73 3.30
CA ASN A 180 10.93 -7.86 4.38
C ASN A 180 9.76 -7.00 4.85
N PHE A 181 9.45 -7.03 6.15
CA PHE A 181 8.35 -6.20 6.63
C PHE A 181 8.63 -4.72 6.38
N TYR A 182 7.56 -3.99 6.10
CA TYR A 182 7.55 -2.56 6.32
C TYR A 182 7.33 -2.33 7.80
N GLY A 183 8.14 -1.47 8.40
CA GLY A 183 8.00 -1.15 9.81
C GLY A 183 8.72 -2.18 10.64
N PRO A 184 8.55 -2.09 11.94
CA PRO A 184 9.27 -2.97 12.90
C PRO A 184 8.58 -4.29 13.17
N PHE A 185 7.57 -4.66 12.38
CA PHE A 185 6.71 -5.75 12.74
C PHE A 185 7.35 -7.08 12.40
N VAL A 186 6.85 -8.12 13.06
CA VAL A 186 7.26 -9.49 12.82
C VAL A 186 6.03 -10.37 12.62
N ASP A 187 6.19 -11.48 11.90
CA ASP A 187 5.03 -12.35 11.60
C ASP A 187 4.87 -13.40 12.71
N ARG A 188 4.45 -12.90 13.85
CA ARG A 188 4.07 -13.72 14.98
C ARG A 188 3.08 -12.92 15.81
N GLN A 189 2.21 -13.61 16.53
CA GLN A 189 1.11 -12.93 17.21
C GLN A 189 1.46 -12.51 18.63
N THR A 190 2.71 -12.11 18.87
CA THR A 190 3.08 -11.46 20.12
C THR A 190 2.70 -9.99 20.08
N ALA A 191 2.71 -9.36 21.26
CA ALA A 191 2.34 -7.96 21.39
C ALA A 191 3.18 -7.08 20.49
N GLN A 192 2.49 -6.37 19.60
CA GLN A 192 3.10 -5.41 18.69
C GLN A 192 2.08 -4.30 18.48
N ALA A 193 2.59 -3.10 18.28
CA ALA A 193 1.69 -1.96 18.10
C ALA A 193 2.32 -0.99 17.11
N ALA A 194 1.48 -0.37 16.29
CA ALA A 194 1.95 0.67 15.39
C ALA A 194 2.44 1.89 16.19
N GLY A 195 3.52 2.49 15.72
CA GLY A 195 3.94 3.76 16.27
C GLY A 195 2.95 4.85 15.92
N THR A 196 3.10 5.99 16.59
CA THR A 196 2.25 7.13 16.30
C THR A 196 2.40 7.53 14.84
N ASP A 197 1.29 7.82 14.20
CA ASP A 197 1.31 8.18 12.80
C ASP A 197 1.27 9.69 12.62
N THR A 198 1.60 10.12 11.41
CA THR A 198 1.60 11.52 11.03
C THR A 198 0.90 11.65 9.69
N THR A 199 0.56 12.88 9.31
CA THR A 199 -0.09 13.13 8.04
C THR A 199 0.95 13.43 6.99
N ILE A 200 0.75 12.93 5.77
CA ILE A 200 1.71 13.05 4.68
C ILE A 200 1.54 14.42 4.01
N THR A 201 2.37 15.37 4.43
CA THR A 201 2.25 16.78 4.05
C THR A 201 2.34 16.99 2.54
N VAL A 202 3.36 16.43 1.90
CA VAL A 202 3.52 16.63 0.46
C VAL A 202 2.27 16.15 -0.27
N ASN A 203 1.63 15.07 0.22
CA ASN A 203 0.41 14.56 -0.43
C ASN A 203 -0.76 15.50 -0.22
N VAL A 204 -0.91 16.04 0.99
CA VAL A 204 -1.99 17.00 1.22
C VAL A 204 -1.86 18.17 0.24
N LEU A 205 -0.62 18.66 0.06
CA LEU A 205 -0.39 19.77 -0.88
C LEU A 205 -0.73 19.38 -2.31
N ALA A 206 -0.33 18.18 -2.75
CA ALA A 206 -0.70 17.70 -4.07
C ALA A 206 -2.21 17.69 -4.25
N TRP A 207 -2.95 17.31 -3.21
CA TRP A 207 -4.40 17.22 -3.34
C TRP A 207 -5.06 18.60 -3.36
N LEU A 208 -4.48 19.56 -2.64
CA LEU A 208 -4.92 20.94 -2.80
C LEU A 208 -4.70 21.43 -4.22
N TYR A 209 -3.57 21.07 -4.84
CA TYR A 209 -3.36 21.38 -6.26
C TYR A 209 -4.38 20.69 -7.15
N ALA A 210 -4.71 19.42 -6.84
CA ALA A 210 -5.78 18.76 -7.59
C ALA A 210 -7.06 19.59 -7.51
N ALA A 211 -7.36 20.12 -6.33
CA ALA A 211 -8.60 20.86 -6.17
C ALA A 211 -8.60 22.08 -7.06
N VAL A 212 -7.46 22.77 -7.14
CA VAL A 212 -7.35 23.97 -7.98
C VAL A 212 -7.47 23.61 -9.46
N ILE A 213 -6.83 22.51 -9.88
CA ILE A 213 -6.97 22.06 -11.25
C ILE A 213 -8.44 21.80 -11.57
N ASN A 214 -9.20 21.36 -10.57
CA ASN A 214 -10.59 21.02 -10.79
C ASN A 214 -11.49 22.21 -10.59
N GLY A 215 -10.91 23.41 -10.57
CA GLY A 215 -11.70 24.62 -10.62
C GLY A 215 -12.05 25.21 -9.28
N ASP A 216 -11.45 24.74 -8.20
CA ASP A 216 -11.83 25.19 -6.86
C ASP A 216 -10.66 25.89 -6.18
N ARG A 217 -10.88 27.15 -5.78
CA ARG A 217 -9.81 27.96 -5.20
C ARG A 217 -10.16 28.57 -3.85
N TRP A 218 -11.26 28.16 -3.17
CA TRP A 218 -11.78 28.92 -2.03
C TRP A 218 -10.81 28.98 -0.86
N PHE A 219 -9.95 27.98 -0.73
CA PHE A 219 -9.04 27.89 0.40
C PHE A 219 -7.76 28.69 0.20
N LEU A 220 -7.51 29.20 -1.00
CA LEU A 220 -6.28 29.94 -1.24
C LEU A 220 -6.28 31.24 -0.44
N ASN A 221 -5.10 31.83 -0.29
CA ASN A 221 -5.04 33.16 0.33
C ASN A 221 -3.90 33.95 -0.31
N ARG A 222 -3.78 35.21 0.10
CA ARG A 222 -2.80 36.10 -0.49
C ARG A 222 -1.44 35.98 0.18
N PHE A 223 -1.30 35.09 1.15
CA PHE A 223 -0.08 35.03 1.94
C PHE A 223 0.92 34.02 1.37
N THR A 224 2.12 34.06 1.94
CA THR A 224 3.12 33.05 1.69
C THR A 224 3.78 32.74 3.03
N THR A 225 4.70 31.79 3.02
CA THR A 225 5.40 31.39 4.23
C THR A 225 6.79 30.96 3.83
N THR A 226 7.68 30.92 4.82
CA THR A 226 8.94 30.28 4.59
C THR A 226 8.78 28.79 4.88
N LEU A 227 9.65 28.00 4.26
CA LEU A 227 9.68 26.57 4.55
C LEU A 227 9.83 26.31 6.04
N ASN A 228 10.83 26.93 6.69
CA ASN A 228 11.00 26.80 8.14
C ASN A 228 9.73 27.13 8.91
N ASP A 229 9.11 28.29 8.63
CA ASP A 229 7.92 28.68 9.37
C ASP A 229 6.76 27.72 9.09
N PHE A 230 6.63 27.24 7.85
CA PHE A 230 5.60 26.24 7.59
C PHE A 230 5.82 25.00 8.46
N ASN A 231 7.05 24.49 8.48
CA ASN A 231 7.33 23.25 9.21
C ASN A 231 7.09 23.41 10.70
N LEU A 232 7.24 24.63 11.23
CA LEU A 232 6.91 24.83 12.63
C LEU A 232 5.42 24.70 12.88
N VAL A 233 4.58 25.05 11.89
CA VAL A 233 3.15 24.79 12.02
C VAL A 233 2.86 23.31 11.80
N ALA A 234 3.49 22.71 10.79
CA ALA A 234 3.36 21.28 10.51
C ALA A 234 3.60 20.43 11.75
N MET A 235 4.68 20.69 12.48
CA MET A 235 4.96 19.87 13.64
C MET A 235 3.83 19.98 14.66
N LYS A 236 3.27 21.19 14.83
CA LYS A 236 2.22 21.38 15.83
C LYS A 236 0.98 20.54 15.51
N TYR A 237 0.70 20.28 14.24
CA TYR A 237 -0.49 19.56 13.85
C TYR A 237 -0.21 18.11 13.45
N ASN A 238 0.95 17.57 13.85
CA ASN A 238 1.26 16.16 13.61
C ASN A 238 1.36 15.86 12.11
N TYR A 239 1.87 16.82 11.35
CA TYR A 239 2.20 16.67 9.94
C TYR A 239 3.69 16.41 9.79
N GLU A 240 4.03 15.64 8.75
CA GLU A 240 5.42 15.39 8.43
C GLU A 240 6.14 16.68 8.06
N PRO A 241 7.41 16.81 8.40
CA PRO A 241 8.21 17.91 7.85
C PRO A 241 8.21 17.85 6.33
N LEU A 242 8.02 19.03 5.72
CA LEU A 242 8.12 19.19 4.27
C LEU A 242 9.57 19.54 3.94
N THR A 243 10.13 18.84 2.96
CA THR A 243 11.53 19.02 2.61
C THR A 243 11.65 19.78 1.30
N GLN A 244 12.86 20.28 1.03
CA GLN A 244 13.12 20.87 -0.28
C GLN A 244 12.90 19.85 -1.39
N ASP A 245 13.15 18.57 -1.11
CA ASP A 245 12.85 17.57 -2.11
C ASP A 245 11.35 17.52 -2.42
N HIS A 246 10.52 17.63 -1.39
CA HIS A 246 9.06 17.65 -1.60
C HIS A 246 8.67 18.86 -2.44
N VAL A 247 9.19 20.03 -2.06
CA VAL A 247 8.95 21.25 -2.82
C VAL A 247 9.29 21.04 -4.30
N ASP A 248 10.47 20.48 -4.56
CA ASP A 248 10.87 20.19 -5.94
C ASP A 248 9.87 19.26 -6.63
N ILE A 249 9.43 18.20 -5.94
CA ILE A 249 8.54 17.23 -6.55
C ILE A 249 7.21 17.86 -6.92
N LEU A 250 6.74 18.82 -6.13
CA LEU A 250 5.53 19.58 -6.40
C LEU A 250 5.71 20.63 -7.48
N GLY A 251 6.88 20.66 -8.10
CA GLY A 251 7.18 21.62 -9.15
C GLY A 251 6.21 21.64 -10.30
N PRO A 252 6.01 20.49 -10.96
CA PRO A 252 5.08 20.46 -12.11
C PRO A 252 3.67 20.93 -11.77
N LEU A 253 3.12 20.53 -10.62
CA LEU A 253 1.78 20.99 -10.24
C LEU A 253 1.77 22.48 -9.95
N SER A 254 2.84 23.00 -9.35
CA SER A 254 2.97 24.44 -9.16
C SER A 254 2.95 25.18 -10.49
N ALA A 255 3.69 24.67 -11.48
CA ALA A 255 3.78 25.36 -12.76
C ALA A 255 2.46 25.30 -13.52
N GLN A 256 1.78 24.16 -13.47
CA GLN A 256 0.49 24.03 -14.18
C GLN A 256 -0.56 24.97 -13.61
N THR A 257 -0.54 25.22 -12.30
CA THR A 257 -1.59 26.04 -11.68
C THR A 257 -1.18 27.50 -11.45
N GLY A 258 0.12 27.81 -11.53
CA GLY A 258 0.56 29.16 -11.24
C GLY A 258 0.56 29.53 -9.78
N ILE A 259 0.54 28.54 -8.89
CA ILE A 259 0.54 28.78 -7.45
C ILE A 259 1.86 28.28 -6.91
N ALA A 260 2.68 29.19 -6.39
CA ALA A 260 3.98 28.79 -5.85
C ALA A 260 3.78 27.79 -4.73
N VAL A 261 4.75 26.86 -4.61
CA VAL A 261 4.62 25.81 -3.59
C VAL A 261 4.47 26.42 -2.20
N LEU A 262 5.35 27.37 -1.86
CA LEU A 262 5.25 28.02 -0.54
C LEU A 262 3.96 28.84 -0.41
N ASP A 263 3.38 29.31 -1.51
CA ASP A 263 2.06 29.92 -1.43
C ASP A 263 0.99 28.89 -1.06
N MET A 264 1.06 27.69 -1.65
CA MET A 264 0.12 26.65 -1.23
C MET A 264 0.36 26.24 0.21
N CYS A 265 1.63 26.27 0.65
CA CYS A 265 1.89 26.02 2.06
C CYS A 265 1.17 27.03 2.94
N ALA A 266 1.10 28.29 2.51
CA ALA A 266 0.41 29.29 3.31
C ALA A 266 -1.08 28.98 3.39
N SER A 267 -1.65 28.47 2.29
CA SER A 267 -3.03 28.03 2.31
C SER A 267 -3.24 26.89 3.32
N LEU A 268 -2.34 25.89 3.29
CA LEU A 268 -2.50 24.76 4.20
C LEU A 268 -2.40 25.20 5.65
N LYS A 269 -1.40 26.04 5.96
CA LYS A 269 -1.26 26.57 7.31
C LYS A 269 -2.56 27.20 7.77
N GLU A 270 -3.19 28.00 6.91
CA GLU A 270 -4.45 28.64 7.29
C GLU A 270 -5.54 27.59 7.51
N LEU A 271 -5.61 26.57 6.64
CA LEU A 271 -6.59 25.50 6.84
C LEU A 271 -6.34 24.74 8.14
N LEU A 272 -5.07 24.50 8.48
CA LEU A 272 -4.77 23.81 9.73
C LEU A 272 -5.17 24.66 10.93
N GLN A 273 -4.99 25.98 10.83
CA GLN A 273 -5.25 26.85 11.98
C GLN A 273 -6.72 27.21 12.13
N ASN A 274 -7.47 27.23 11.04
CA ASN A 274 -8.85 27.66 11.10
C ASN A 274 -9.86 26.55 10.91
N GLY A 275 -9.44 25.40 10.40
CA GLY A 275 -10.38 24.40 9.95
C GLY A 275 -11.01 24.84 8.63
N MET A 276 -11.99 24.05 8.20
CA MET A 276 -12.65 24.30 6.92
C MET A 276 -13.91 25.14 7.06
N ASN A 277 -14.43 25.31 8.28
CA ASN A 277 -15.63 26.11 8.54
C ASN A 277 -16.83 25.59 7.74
N GLY A 278 -17.07 24.29 7.81
CA GLY A 278 -18.19 23.69 7.11
C GLY A 278 -18.08 23.64 5.61
N ARG A 279 -16.90 23.85 5.05
CA ARG A 279 -16.70 23.74 3.61
C ARG A 279 -16.04 22.40 3.27
N THR A 280 -16.10 22.05 1.99
CA THR A 280 -15.46 20.81 1.54
C THR A 280 -14.47 21.11 0.41
N ILE A 281 -13.50 20.20 0.26
CA ILE A 281 -12.54 20.25 -0.84
C ILE A 281 -12.63 18.91 -1.54
N LEU A 282 -12.89 18.93 -2.86
CA LEU A 282 -13.01 17.70 -3.64
C LEU A 282 -13.87 16.66 -2.91
N GLY A 283 -14.96 17.12 -2.30
CA GLY A 283 -15.89 16.22 -1.65
C GLY A 283 -15.50 15.70 -0.28
N SER A 284 -14.43 16.23 0.34
CA SER A 284 -13.98 15.79 1.66
C SER A 284 -14.05 16.93 2.67
N ALA A 285 -14.43 16.59 3.90
CA ALA A 285 -14.38 17.54 5.00
C ALA A 285 -13.10 17.43 5.79
N LEU A 286 -12.17 16.56 5.37
CA LEU A 286 -10.86 16.43 5.97
C LEU A 286 -9.80 16.68 4.91
N LEU A 287 -8.59 17.01 5.37
CA LEU A 287 -7.48 17.19 4.46
C LEU A 287 -6.97 15.80 4.05
N GLU A 288 -7.07 15.49 2.78
CA GLU A 288 -6.75 14.15 2.29
C GLU A 288 -5.26 13.99 1.99
N ASP A 289 -4.68 12.86 2.41
CA ASP A 289 -3.22 12.72 2.23
C ASP A 289 -2.84 11.41 1.54
N GLU A 290 -3.78 10.74 0.85
CA GLU A 290 -3.42 9.48 0.18
C GLU A 290 -3.36 9.65 -1.34
N PHE A 291 -3.01 10.85 -1.82
CA PHE A 291 -2.70 11.09 -3.24
C PHE A 291 -1.30 11.70 -3.34
N THR A 292 -0.41 11.03 -4.08
CA THR A 292 0.91 11.61 -4.31
C THR A 292 0.83 12.68 -5.40
N PRO A 293 1.86 13.51 -5.51
CA PRO A 293 1.96 14.40 -6.69
C PRO A 293 1.85 13.65 -8.01
N PHE A 294 2.46 12.46 -8.13
CA PHE A 294 2.31 11.68 -9.35
C PHE A 294 0.87 11.26 -9.56
N ASP A 295 0.16 10.85 -8.50
CA ASP A 295 -1.25 10.48 -8.64
C ASP A 295 -2.08 11.62 -9.20
N VAL A 296 -1.85 12.83 -8.72
CA VAL A 296 -2.63 13.97 -9.18
C VAL A 296 -2.41 14.21 -10.66
N VAL A 297 -1.13 14.26 -11.07
CA VAL A 297 -0.79 14.46 -12.48
C VAL A 297 -1.39 13.36 -13.36
N ARG A 298 -1.35 12.13 -12.88
CA ARG A 298 -1.90 11.02 -13.66
C ARG A 298 -3.39 11.18 -13.86
N GLN A 299 -4.12 11.58 -12.83
CA GLN A 299 -5.57 11.57 -12.94
C GLN A 299 -6.11 12.87 -13.50
N CYS A 300 -5.43 13.98 -13.26
CA CYS A 300 -6.00 15.26 -13.64
C CYS A 300 -5.65 15.60 -15.09
N SER A 301 -6.40 16.57 -15.64
CA SER A 301 -6.08 17.08 -16.96
C SER A 301 -4.85 17.98 -16.91
N GLY A 302 -4.23 18.15 -18.08
CA GLY A 302 -3.16 19.13 -18.25
C GLY A 302 -3.64 20.57 -18.32
N VAL A 303 -4.97 20.78 -18.48
CA VAL A 303 -5.62 22.08 -18.38
C VAL A 303 -6.20 22.22 -16.98
N THR A 304 -6.25 23.46 -16.48
CA THR A 304 -6.49 23.74 -15.06
C THR A 304 -7.88 24.33 -14.77
N PHE A 305 -8.67 24.64 -15.80
CA PHE A 305 -9.97 25.30 -15.62
C PHE A 305 -9.76 26.66 -14.95
N GLN A 306 -9.41 27.66 -15.75
CA GLN A 306 -9.06 29.00 -15.27
C GLN A 306 -10.26 29.77 -14.72
N TYR B 6 -4.00 -8.72 20.40
CA TYR B 6 -2.81 -9.25 19.74
C TYR B 6 -2.93 -9.21 18.20
N PRO B 7 -1.81 -9.01 17.52
CA PRO B 7 -1.82 -9.03 16.04
C PRO B 7 -2.29 -10.39 15.52
N LYS B 8 -3.00 -10.36 14.39
CA LYS B 8 -3.61 -11.55 13.80
C LYS B 8 -3.02 -11.76 12.41
N LEU B 9 -2.38 -12.91 12.18
CA LEU B 9 -1.96 -13.28 10.83
C LEU B 9 -3.21 -13.76 10.08
N GLN B 10 -3.56 -13.07 8.99
CA GLN B 10 -4.91 -13.23 8.45
C GLN B 10 -5.00 -14.35 7.39
N SER B 11 -4.40 -15.50 7.71
CA SER B 11 -4.71 -16.71 6.98
C SER B 11 -6.08 -17.21 7.41
N SER B 12 -6.56 -18.29 6.79
CA SER B 12 -7.83 -18.89 7.22
C SER B 12 -7.64 -20.36 7.55
N GLN B 13 -8.45 -20.83 8.50
CA GLN B 13 -8.50 -22.24 8.89
C GLN B 13 -9.68 -22.95 8.23
#